data_1NMZ
#
_entry.id   1NMZ
#
_cell.length_a   101.301
_cell.length_b   101.301
_cell.length_c   49.513
_cell.angle_alpha   90.00
_cell.angle_beta   90.00
_cell.angle_gamma   90.00
#
_symmetry.space_group_name_H-M   'P 43 21 2'
#
loop_
_entity.id
_entity.type
_entity.pdbx_description
1 polymer 'similar to THYMIDYLATE KINASE (DTMP KINASE)'
2 non-polymer 'MAGNESIUM ION'
3 non-polymer "3'-DEOXY-3'-AMINOTHYMIDINE MONOPHOSPHATE"
4 non-polymer 'PHOSPHOAMINOPHOSPHONIC ACID-ADENYLATE ESTER'
5 water water
#
_entity_poly.entity_id   1
_entity_poly.type   'polypeptide(L)'
_entity_poly.pdbx_seq_one_letter_code
;GSHMAARRGALIVLEGVDRAGKSTQSRKLVEALCAAGHRAELLRFPERSTEIGKLLSSYLQKKSDVEDHSVHLLFSANRW
EQVPLIKEKLSQGVTLVVDRYAFSGVAFTGAKENFSLDWCKQPDVGLPKPDLVLFLQLQLADAAKRGAFGHERYENGAFQ
ERALRCFHQLMKDTTLNWKMVDASKSIEAVHEDIRVLSEDAIATATEKPLGELWK
;
_entity_poly.pdbx_strand_id   A
#
loop_
_chem_comp.id
_chem_comp.type
_chem_comp.name
_chem_comp.formula
ANP non-polymer 'PHOSPHOAMINOPHOSPHONIC ACID-ADENYLATE ESTER' 'C10 H17 N6 O12 P3'
MG non-polymer 'MAGNESIUM ION' 'Mg 2'
NYM DNA linking '3'-DEOXY-3'-AMINOTHYMIDINE MONOPHOSPHATE' 'C10 H16 N3 O7 P'
#
# COMPACT_ATOMS: atom_id res chain seq x y z
N ARG A 7 6.33 15.02 18.81
CA ARG A 7 5.10 14.93 17.95
C ARG A 7 5.37 13.85 16.89
N ARG A 8 4.62 12.75 16.94
CA ARG A 8 4.97 11.70 15.96
C ARG A 8 4.56 12.04 14.53
N GLY A 9 5.18 11.31 13.59
CA GLY A 9 4.80 11.50 12.17
C GLY A 9 3.56 10.63 11.91
N ALA A 10 2.95 10.84 10.74
CA ALA A 10 1.83 10.02 10.30
C ALA A 10 2.31 8.85 9.41
N LEU A 11 1.51 7.80 9.44
CA LEU A 11 1.77 6.62 8.58
C LEU A 11 0.69 6.65 7.52
N ILE A 12 1.09 7.05 6.30
CA ILE A 12 0.11 7.17 5.23
C ILE A 12 0.40 6.08 4.18
N VAL A 13 -0.64 5.32 3.84
CA VAL A 13 -0.46 4.28 2.83
C VAL A 13 -1.21 4.60 1.55
N LEU A 14 -0.62 4.30 0.39
CA LEU A 14 -1.31 4.41 -0.87
C LEU A 14 -1.56 2.98 -1.42
N GLU A 15 -2.84 2.69 -1.70
CA GLU A 15 -3.21 1.41 -2.29
C GLU A 15 -4.02 1.63 -3.57
N GLY A 16 -4.21 0.54 -4.30
CA GLY A 16 -4.97 0.55 -5.53
C GLY A 16 -4.48 -0.65 -6.36
N VAL A 17 -5.22 -0.88 -7.45
CA VAL A 17 -4.84 -1.95 -8.38
C VAL A 17 -3.57 -1.56 -9.13
N ASP A 18 -3.01 -2.50 -9.91
CA ASP A 18 -1.85 -2.13 -10.74
C ASP A 18 -2.22 -1.01 -11.71
N ARG A 19 -1.27 -0.10 -11.88
CA ARG A 19 -1.29 1.07 -12.73
C ARG A 19 -2.20 2.20 -12.34
N ALA A 20 -2.68 2.18 -11.10
CA ALA A 20 -3.54 3.21 -10.58
C ALA A 20 -2.79 4.53 -10.32
N GLY A 21 -1.46 4.50 -10.31
CA GLY A 21 -0.72 5.72 -10.04
C GLY A 21 -0.08 5.77 -8.66
N LYS A 22 -0.05 4.65 -7.94
CA LYS A 22 0.50 4.64 -6.58
C LYS A 22 1.92 5.16 -6.44
N SER A 23 2.81 4.71 -7.28
CA SER A 23 4.23 5.07 -7.18
C SER A 23 4.46 6.54 -7.59
N THR A 24 3.80 6.95 -8.66
CA THR A 24 3.95 8.35 -9.06
C THR A 24 3.43 9.25 -7.93
N GLN A 25 2.26 8.90 -7.37
CA GLN A 25 1.66 9.74 -6.33
C GLN A 25 2.44 9.66 -5.03
N SER A 26 3.08 8.51 -4.70
CA SER A 26 3.81 8.45 -3.45
C SER A 26 5.06 9.33 -3.54
N ARG A 27 5.76 9.26 -4.68
CA ARG A 27 6.95 10.10 -4.89
C ARG A 27 6.60 11.58 -4.83
N LYS A 28 5.55 11.98 -5.52
CA LYS A 28 5.12 13.40 -5.51
C LYS A 28 4.67 13.86 -4.15
N LEU A 29 4.01 12.97 -3.37
CA LEU A 29 3.57 13.38 -2.04
C LEU A 29 4.76 13.70 -1.16
N VAL A 30 5.76 12.78 -1.12
CA VAL A 30 6.89 13.03 -0.21
C VAL A 30 7.59 14.34 -0.62
N GLU A 31 7.73 14.57 -1.91
CA GLU A 31 8.37 15.79 -2.40
C GLU A 31 7.61 17.03 -1.92
N ALA A 32 6.28 17.02 -2.07
CA ALA A 32 5.47 18.19 -1.69
C ALA A 32 5.48 18.39 -0.18
N LEU A 33 5.41 17.28 0.59
CA LEU A 33 5.42 17.44 2.04
C LEU A 33 6.73 18.03 2.52
N CYS A 34 7.87 17.57 1.98
CA CYS A 34 9.17 18.11 2.37
C CYS A 34 9.33 19.56 1.91
N ALA A 35 8.74 19.90 0.76
CA ALA A 35 8.84 21.28 0.30
C ALA A 35 8.04 22.20 1.21
N ALA A 36 7.04 21.68 1.91
CA ALA A 36 6.21 22.39 2.84
C ALA A 36 6.69 22.31 4.28
N GLY A 37 7.97 21.96 4.43
CA GLY A 37 8.65 21.91 5.70
C GLY A 37 8.43 20.67 6.57
N HIS A 38 7.66 19.70 6.08
CA HIS A 38 7.51 18.44 6.83
C HIS A 38 8.75 17.56 6.67
N ARG A 39 8.99 16.74 7.71
CA ARG A 39 9.98 15.65 7.57
C ARG A 39 9.17 14.45 7.05
N ALA A 40 9.42 14.02 5.83
CA ALA A 40 8.65 12.90 5.26
C ALA A 40 9.53 12.01 4.40
N GLU A 41 9.29 10.69 4.48
CA GLU A 41 10.12 9.80 3.68
C GLU A 41 9.21 8.73 3.01
N LEU A 42 9.73 8.22 1.91
CA LEU A 42 9.04 7.19 1.16
C LEU A 42 9.45 5.74 1.51
N LEU A 43 8.50 4.83 1.65
CA LEU A 43 8.74 3.40 1.80
C LEU A 43 7.88 2.67 0.76
N ARG A 44 8.25 1.46 0.37
CA ARG A 44 7.35 0.73 -0.54
C ARG A 44 7.32 -0.75 -0.17
N PHE A 45 6.26 -1.47 -0.57
CA PHE A 45 6.22 -2.92 -0.39
C PHE A 45 5.76 -3.51 -1.71
N PRO A 46 6.37 -4.60 -2.14
CA PRO A 46 7.51 -5.21 -1.47
C PRO A 46 8.74 -4.34 -1.50
N GLU A 47 9.58 -4.50 -0.53
CA GLU A 47 10.86 -3.80 -0.38
C GLU A 47 11.91 -4.83 -0.85
N ARG A 48 12.27 -4.68 -2.13
CA ARG A 48 13.11 -5.73 -2.73
C ARG A 48 14.55 -5.77 -2.35
N SER A 49 15.03 -4.87 -1.53
CA SER A 49 16.46 -4.82 -1.21
C SER A 49 16.89 -5.84 -0.18
N THR A 50 15.96 -6.41 0.59
CA THR A 50 16.33 -7.43 1.57
C THR A 50 16.38 -8.83 0.96
N GLU A 51 16.87 -9.79 1.75
CA GLU A 51 16.95 -11.18 1.29
C GLU A 51 15.55 -11.68 0.92
N ILE A 52 14.59 -11.36 1.78
CA ILE A 52 13.19 -11.72 1.50
C ILE A 52 12.69 -11.02 0.26
N GLY A 53 12.96 -9.71 0.20
CA GLY A 53 12.54 -8.94 -0.97
C GLY A 53 13.19 -9.48 -2.22
N LYS A 54 14.40 -10.02 -2.15
CA LYS A 54 14.94 -10.56 -3.44
C LYS A 54 14.18 -11.79 -3.94
N LEU A 55 13.75 -12.66 -3.04
CA LEU A 55 12.96 -13.83 -3.40
C LEU A 55 11.64 -13.37 -4.02
N LEU A 56 11.07 -12.32 -3.41
CA LEU A 56 9.78 -11.82 -3.91
C LEU A 56 9.92 -11.22 -5.31
N SER A 57 11.05 -10.53 -5.54
CA SER A 57 11.24 -9.92 -6.86
C SER A 57 11.40 -11.01 -7.92
N SER A 58 12.13 -12.07 -7.56
CA SER A 58 12.32 -13.17 -8.50
C SER A 58 10.99 -13.84 -8.82
N TYR A 59 10.16 -14.02 -7.78
CA TYR A 59 8.84 -14.60 -8.00
C TYR A 59 7.98 -13.74 -8.92
N LEU A 60 7.90 -12.44 -8.60
CA LEU A 60 7.07 -11.55 -9.39
C LEU A 60 7.48 -11.52 -10.86
N GLN A 61 8.77 -11.63 -11.13
CA GLN A 61 9.31 -11.61 -12.47
C GLN A 61 9.27 -12.99 -13.15
N LYS A 62 8.75 -13.96 -12.39
CA LYS A 62 8.63 -15.32 -12.87
C LYS A 62 9.99 -15.95 -13.14
N LYS A 63 11.00 -15.53 -12.40
CA LYS A 63 12.31 -16.17 -12.56
C LYS A 63 12.27 -17.38 -11.63
N SER A 64 11.22 -17.38 -10.78
CA SER A 64 11.05 -18.46 -9.83
C SER A 64 9.58 -18.67 -9.48
N ASP A 65 9.30 -19.87 -9.02
CA ASP A 65 7.96 -20.27 -8.60
C ASP A 65 8.00 -20.55 -7.09
N VAL A 66 6.97 -20.08 -6.44
CA VAL A 66 6.88 -20.21 -4.98
C VAL A 66 5.44 -20.61 -4.67
N GLU A 67 5.29 -21.58 -3.80
CA GLU A 67 3.98 -22.05 -3.37
C GLU A 67 3.17 -20.88 -2.83
N ASP A 68 1.87 -20.80 -3.13
CA ASP A 68 1.06 -19.62 -2.81
C ASP A 68 0.99 -19.21 -1.36
N HIS A 69 0.93 -20.17 -0.45
CA HIS A 69 0.89 -19.83 0.97
C HIS A 69 2.26 -19.26 1.34
N SER A 70 3.35 -19.98 0.99
CA SER A 70 4.69 -19.49 1.26
C SER A 70 4.94 -18.09 0.73
N VAL A 71 4.57 -17.76 -0.51
CA VAL A 71 4.82 -16.36 -0.98
C VAL A 71 3.97 -15.34 -0.21
N HIS A 72 2.75 -15.69 0.17
CA HIS A 72 1.92 -14.76 0.98
C HIS A 72 2.62 -14.41 2.28
N LEU A 73 3.23 -15.44 2.90
CA LEU A 73 3.93 -15.22 4.20
C LEU A 73 5.20 -14.43 4.03
N LEU A 74 5.97 -14.68 2.94
CA LEU A 74 7.14 -13.86 2.66
C LEU A 74 6.73 -12.40 2.44
N PHE A 75 5.64 -12.13 1.72
CA PHE A 75 5.24 -10.70 1.58
C PHE A 75 5.03 -10.01 2.93
N SER A 76 4.43 -10.75 3.87
CA SER A 76 4.11 -10.18 5.20
C SER A 76 5.38 -10.07 5.99
N ALA A 77 6.25 -11.10 5.93
CA ALA A 77 7.51 -11.03 6.65
C ALA A 77 8.32 -9.82 6.20
N ASN A 78 8.19 -9.50 4.92
CA ASN A 78 8.90 -8.35 4.32
C ASN A 78 8.42 -7.03 4.91
N ARG A 79 7.17 -6.98 5.37
CA ARG A 79 6.68 -5.80 6.08
C ARG A 79 7.20 -5.83 7.52
N TRP A 80 7.11 -6.97 8.22
CA TRP A 80 7.54 -7.02 9.61
C TRP A 80 9.02 -6.67 9.79
N GLU A 81 9.83 -7.06 8.81
CA GLU A 81 11.27 -6.73 8.92
C GLU A 81 11.51 -5.22 8.89
N GLN A 82 10.59 -4.42 8.42
CA GLN A 82 10.70 -2.97 8.40
C GLN A 82 9.99 -2.31 9.59
N VAL A 83 9.37 -3.10 10.49
CA VAL A 83 8.61 -2.48 11.59
C VAL A 83 9.45 -1.68 12.55
N PRO A 84 10.62 -2.15 12.93
CA PRO A 84 11.48 -1.41 13.87
C PRO A 84 11.82 -0.05 13.24
N LEU A 85 12.19 -0.01 11.99
CA LEU A 85 12.45 1.25 11.27
C LEU A 85 11.24 2.19 11.22
N ILE A 86 10.08 1.65 10.86
CA ILE A 86 8.86 2.43 10.80
C ILE A 86 8.56 3.06 12.14
N LYS A 87 8.60 2.25 13.23
CA LYS A 87 8.28 2.82 14.54
C LYS A 87 9.30 3.87 14.95
N GLU A 88 10.56 3.61 14.63
CA GLU A 88 11.62 4.59 14.97
C GLU A 88 11.36 5.88 14.21
N LYS A 89 11.20 5.77 12.89
CA LYS A 89 10.92 7.04 12.16
C LYS A 89 9.74 7.83 12.64
N LEU A 90 8.55 7.23 12.81
CA LEU A 90 7.37 7.88 13.24
C LEU A 90 7.59 8.47 14.65
N SER A 91 8.27 7.76 15.53
CA SER A 91 8.48 8.36 16.87
C SER A 91 9.40 9.58 16.78
N GLN A 92 10.23 9.69 15.76
CA GLN A 92 11.09 10.86 15.61
C GLN A 92 10.38 12.04 14.94
N GLY A 93 9.12 11.89 14.59
CA GLY A 93 8.38 12.93 13.92
C GLY A 93 8.45 12.87 12.39
N VAL A 94 8.89 11.76 11.80
CA VAL A 94 9.01 11.66 10.37
C VAL A 94 7.73 11.03 9.83
N THR A 95 7.07 11.66 8.90
CA THR A 95 5.87 11.06 8.30
C THR A 95 6.34 10.05 7.25
N LEU A 96 5.67 8.92 7.17
CA LEU A 96 6.06 7.90 6.20
C LEU A 96 4.95 7.70 5.17
N VAL A 97 5.35 7.83 3.91
CA VAL A 97 4.42 7.61 2.79
C VAL A 97 4.79 6.24 2.22
N VAL A 98 3.82 5.35 2.23
CA VAL A 98 4.06 3.95 1.86
C VAL A 98 3.28 3.48 0.65
N ASP A 99 4.05 3.05 -0.35
CA ASP A 99 3.50 2.59 -1.63
C ASP A 99 3.19 1.09 -1.56
N ARG A 100 1.96 0.79 -1.26
CA ARG A 100 1.39 -0.52 -1.01
C ARG A 100 1.71 -0.98 0.43
N TYR A 101 0.80 -1.74 1.01
CA TYR A 101 1.04 -2.26 2.36
C TYR A 101 0.30 -3.58 2.54
N ALA A 102 -0.16 -3.86 3.76
CA ALA A 102 -0.82 -5.18 3.95
C ALA A 102 -2.11 -5.37 3.17
N PHE A 103 -2.79 -4.31 2.74
CA PHE A 103 -4.03 -4.44 1.99
C PHE A 103 -3.74 -5.13 0.67
N SER A 104 -2.69 -4.69 -0.02
CA SER A 104 -2.26 -5.32 -1.29
C SER A 104 -1.96 -6.80 -1.01
N GLY A 105 -1.34 -7.03 0.14
CA GLY A 105 -0.98 -8.43 0.47
C GLY A 105 -2.26 -9.29 0.49
N VAL A 106 -3.29 -8.84 1.18
CA VAL A 106 -4.53 -9.60 1.30
C VAL A 106 -5.25 -9.63 -0.02
N ALA A 107 -5.31 -8.49 -0.72
CA ALA A 107 -6.07 -8.51 -1.97
C ALA A 107 -5.51 -9.41 -3.03
N PHE A 108 -4.19 -9.49 -3.14
CA PHE A 108 -3.56 -10.27 -4.18
C PHE A 108 -3.67 -11.75 -3.88
N THR A 109 -3.36 -12.20 -2.67
CA THR A 109 -3.48 -13.64 -2.37
C THR A 109 -4.97 -14.03 -2.30
N GLY A 110 -5.80 -13.14 -1.74
CA GLY A 110 -7.22 -13.41 -1.61
C GLY A 110 -7.89 -13.56 -2.97
N ALA A 111 -7.23 -13.04 -4.00
CA ALA A 111 -7.74 -13.18 -5.36
C ALA A 111 -7.54 -14.58 -5.92
N LYS A 112 -6.72 -15.40 -5.28
CA LYS A 112 -6.49 -16.76 -5.75
C LYS A 112 -7.56 -17.66 -5.16
N GLU A 113 -7.77 -18.82 -5.84
CA GLU A 113 -8.82 -19.74 -5.35
C GLU A 113 -8.48 -20.37 -4.01
N ASN A 114 -9.48 -20.56 -3.16
CA ASN A 114 -9.26 -21.22 -1.88
C ASN A 114 -8.39 -20.48 -0.87
N PHE A 115 -8.42 -19.15 -0.89
CA PHE A 115 -7.73 -18.35 0.11
C PHE A 115 -8.74 -17.42 0.77
N SER A 116 -9.10 -17.68 2.02
CA SER A 116 -10.09 -16.84 2.69
C SER A 116 -9.47 -15.49 3.05
N LEU A 117 -10.27 -14.43 3.06
CA LEU A 117 -9.70 -13.14 3.47
C LEU A 117 -9.16 -13.28 4.90
N ASP A 118 -9.86 -14.03 5.75
CA ASP A 118 -9.46 -14.18 7.14
C ASP A 118 -8.03 -14.73 7.24
N TRP A 119 -7.74 -15.84 6.55
CA TRP A 119 -6.42 -16.45 6.58
C TRP A 119 -5.39 -15.44 6.01
N CYS A 120 -5.77 -14.75 4.95
CA CYS A 120 -4.81 -13.80 4.35
C CYS A 120 -4.49 -12.65 5.29
N LYS A 121 -5.43 -12.19 6.08
CA LYS A 121 -5.13 -11.06 6.99
C LYS A 121 -4.21 -11.42 8.13
N GLN A 122 -4.28 -12.67 8.66
CA GLN A 122 -3.60 -12.97 9.92
C GLN A 122 -2.14 -12.60 10.07
N PRO A 123 -1.26 -12.90 9.11
CA PRO A 123 0.15 -12.64 9.27
C PRO A 123 0.41 -11.14 9.54
N ASP A 124 -0.41 -10.28 8.95
CA ASP A 124 -0.21 -8.84 9.13
C ASP A 124 -0.90 -8.25 10.35
N VAL A 125 -1.66 -9.04 11.09
CA VAL A 125 -2.33 -8.53 12.29
C VAL A 125 -1.31 -8.04 13.27
N GLY A 126 -1.48 -6.82 13.82
CA GLY A 126 -0.49 -6.24 14.68
C GLY A 126 0.49 -5.27 14.04
N LEU A 127 0.54 -5.22 12.70
CA LEU A 127 1.51 -4.28 12.08
C LEU A 127 1.13 -2.85 12.50
N PRO A 128 2.06 -1.92 12.34
CA PRO A 128 1.71 -0.51 12.62
C PRO A 128 0.48 -0.15 11.81
N LYS A 129 -0.57 0.43 12.39
CA LYS A 129 -1.78 0.82 11.72
C LYS A 129 -1.63 2.16 11.00
N PRO A 130 -1.93 2.20 9.71
CA PRO A 130 -1.86 3.46 8.98
C PRO A 130 -2.88 4.46 9.58
N ASP A 131 -2.41 5.70 9.66
CA ASP A 131 -3.32 6.79 10.06
C ASP A 131 -4.26 7.21 8.95
N LEU A 132 -3.90 6.94 7.70
CA LEU A 132 -4.66 7.26 6.50
C LEU A 132 -4.34 6.22 5.41
N VAL A 133 -5.38 5.70 4.79
CA VAL A 133 -5.18 4.72 3.70
C VAL A 133 -5.84 5.30 2.47
N LEU A 134 -5.05 5.77 1.51
CA LEU A 134 -5.63 6.37 0.30
C LEU A 134 -5.88 5.24 -0.71
N PHE A 135 -7.07 5.18 -1.29
CA PHE A 135 -7.29 4.14 -2.32
C PHE A 135 -7.49 4.86 -3.66
N LEU A 136 -6.57 4.66 -4.58
CA LEU A 136 -6.60 5.31 -5.90
C LEU A 136 -7.51 4.52 -6.85
N GLN A 137 -8.74 5.06 -6.92
CA GLN A 137 -9.80 4.39 -7.70
C GLN A 137 -9.70 4.73 -9.17
N LEU A 138 -9.75 3.73 -10.03
CA LEU A 138 -9.66 3.96 -11.47
C LEU A 138 -10.32 2.76 -12.16
N GLN A 139 -11.01 3.00 -13.26
CA GLN A 139 -11.58 1.85 -13.98
C GLN A 139 -10.48 0.92 -14.47
N LEU A 140 -10.66 -0.39 -14.28
CA LEU A 140 -9.66 -1.34 -14.75
C LEU A 140 -9.34 -1.04 -16.21
N ALA A 141 -10.39 -0.65 -16.94
CA ALA A 141 -10.21 -0.30 -18.35
C ALA A 141 -9.29 0.92 -18.47
N ASP A 142 -9.58 1.98 -17.72
CA ASP A 142 -8.72 3.17 -17.84
C ASP A 142 -7.32 2.81 -17.37
N ALA A 143 -7.12 1.88 -16.46
CA ALA A 143 -5.79 1.52 -16.00
C ALA A 143 -4.98 0.79 -17.06
N ALA A 144 -5.71 0.15 -17.97
CA ALA A 144 -5.07 -0.60 -19.06
C ALA A 144 -4.79 0.37 -20.20
N LYS A 145 -5.53 1.47 -20.23
CA LYS A 145 -5.30 2.49 -21.27
C LYS A 145 -4.00 3.21 -20.93
N ARG A 146 -3.49 2.90 -19.72
CA ARG A 146 -2.24 3.48 -19.29
C ARG A 146 -1.10 2.64 -19.87
N GLY A 147 -1.00 2.78 -21.19
CA GLY A 147 0.05 2.08 -21.92
C GLY A 147 -0.39 0.64 -22.13
N ALA A 148 0.22 -0.26 -21.37
CA ALA A 148 -0.11 -1.68 -21.48
C ALA A 148 0.50 -2.49 -20.35
N PHE A 149 0.04 -3.73 -20.26
CA PHE A 149 0.51 -4.63 -19.22
C PHE A 149 1.99 -4.95 -19.34
N GLY A 150 2.59 -5.04 -18.15
CA GLY A 150 4.00 -5.44 -18.05
C GLY A 150 3.96 -6.98 -18.07
N HIS A 151 5.14 -7.57 -17.95
CA HIS A 151 5.23 -9.02 -17.98
C HIS A 151 5.33 -9.62 -16.58
N GLU A 152 4.90 -8.90 -15.55
CA GLU A 152 5.03 -9.47 -14.20
C GLU A 152 3.80 -10.29 -13.81
N ARG A 153 3.99 -11.14 -12.81
CA ARG A 153 2.91 -12.00 -12.32
C ARG A 153 1.68 -11.18 -11.97
N TYR A 154 0.49 -11.70 -12.18
CA TYR A 154 -0.75 -11.02 -11.82
C TYR A 154 -1.17 -9.91 -12.77
N GLU A 155 -0.34 -9.54 -13.74
CA GLU A 155 -0.69 -8.45 -14.65
C GLU A 155 -1.61 -8.91 -15.77
N ASN A 156 -2.82 -9.27 -15.39
CA ASN A 156 -3.87 -9.67 -16.31
C ASN A 156 -5.22 -9.22 -15.76
N GLY A 157 -6.14 -8.89 -16.66
CA GLY A 157 -7.45 -8.37 -16.30
C GLY A 157 -8.29 -9.18 -15.35
N ALA A 158 -8.36 -10.50 -15.55
CA ALA A 158 -9.22 -11.31 -14.71
C ALA A 158 -8.78 -11.31 -13.25
N PHE A 159 -7.46 -11.42 -13.10
CA PHE A 159 -6.90 -11.45 -11.74
C PHE A 159 -7.06 -10.05 -11.11
N GLN A 160 -6.85 -9.00 -11.88
CA GLN A 160 -6.97 -7.64 -11.31
C GLN A 160 -8.39 -7.40 -10.82
N GLU A 161 -9.38 -7.91 -11.54
CA GLU A 161 -10.77 -7.74 -11.15
C GLU A 161 -11.05 -8.46 -9.84
N ARG A 162 -10.39 -9.63 -9.63
CA ARG A 162 -10.64 -10.32 -8.37
C ARG A 162 -9.92 -9.59 -7.22
N ALA A 163 -8.73 -9.06 -7.53
CA ALA A 163 -8.05 -8.31 -6.45
C ALA A 163 -8.89 -7.08 -6.05
N LEU A 164 -9.44 -6.39 -7.04
CA LEU A 164 -10.29 -5.22 -6.73
C LEU A 164 -11.43 -5.57 -5.78
N ARG A 165 -12.11 -6.68 -6.09
CA ARG A 165 -13.18 -7.17 -5.23
C ARG A 165 -12.73 -7.32 -3.80
N CYS A 166 -11.54 -7.92 -3.61
CA CYS A 166 -10.98 -8.09 -2.27
C CYS A 166 -10.72 -6.71 -1.62
N PHE A 167 -10.13 -5.79 -2.41
CA PHE A 167 -9.93 -4.45 -1.89
C PHE A 167 -11.25 -3.91 -1.33
N HIS A 168 -12.34 -4.03 -2.08
CA HIS A 168 -13.63 -3.48 -1.62
C HIS A 168 -14.10 -4.16 -0.34
N GLN A 169 -13.80 -5.44 -0.15
CA GLN A 169 -14.14 -6.08 1.13
C GLN A 169 -13.33 -5.45 2.28
N LEU A 170 -12.05 -5.13 2.06
CA LEU A 170 -11.27 -4.59 3.17
C LEU A 170 -11.72 -3.16 3.53
N MET A 171 -12.34 -2.52 2.56
CA MET A 171 -12.80 -1.15 2.82
C MET A 171 -14.00 -1.06 3.75
N LYS A 172 -14.66 -2.19 3.96
CA LYS A 172 -15.79 -2.23 4.88
C LYS A 172 -15.30 -2.13 6.32
N ASP A 173 -13.98 -2.23 6.51
CA ASP A 173 -13.39 -2.16 7.84
C ASP A 173 -13.31 -0.72 8.32
N THR A 174 -14.29 -0.29 9.12
CA THR A 174 -14.25 1.09 9.55
C THR A 174 -13.27 1.36 10.67
N THR A 175 -12.48 0.38 11.10
CA THR A 175 -11.45 0.77 12.09
C THR A 175 -10.35 1.56 11.35
N LEU A 176 -10.37 1.56 10.02
CA LEU A 176 -9.32 2.25 9.27
C LEU A 176 -9.82 3.50 8.55
N ASN A 177 -8.97 4.52 8.52
CA ASN A 177 -9.29 5.80 7.88
C ASN A 177 -9.07 5.74 6.38
N TRP A 178 -9.98 5.11 5.66
CA TRP A 178 -9.89 4.96 4.22
C TRP A 178 -10.40 6.24 3.54
N LYS A 179 -9.67 6.67 2.52
CA LYS A 179 -10.12 7.80 1.72
C LYS A 179 -10.05 7.37 0.26
N MET A 180 -11.15 7.50 -0.46
CA MET A 180 -11.16 7.23 -1.88
C MET A 180 -10.59 8.42 -2.64
N VAL A 181 -9.80 8.16 -3.64
CA VAL A 181 -9.24 9.14 -4.54
C VAL A 181 -9.62 8.82 -5.97
N ASP A 182 -10.05 9.85 -6.70
CA ASP A 182 -10.33 9.65 -8.13
C ASP A 182 -9.05 9.72 -8.95
N ALA A 183 -8.45 8.55 -9.17
CA ALA A 183 -7.17 8.42 -9.82
C ALA A 183 -7.24 8.56 -11.34
N SER A 184 -8.44 8.78 -11.90
CA SER A 184 -8.55 8.96 -13.34
C SER A 184 -8.20 10.35 -13.81
N LYS A 185 -8.06 11.29 -12.87
CA LYS A 185 -7.71 12.68 -13.21
C LYS A 185 -6.24 12.82 -13.59
N SER A 186 -5.77 14.01 -13.90
CA SER A 186 -4.40 14.26 -14.28
C SER A 186 -3.45 13.95 -13.11
N ILE A 187 -2.17 13.73 -13.40
CA ILE A 187 -1.21 13.51 -12.32
C ILE A 187 -1.25 14.65 -11.31
N GLU A 188 -1.26 15.89 -11.79
CA GLU A 188 -1.28 17.01 -10.87
C GLU A 188 -2.59 17.12 -10.11
N ALA A 189 -3.74 16.82 -10.74
CA ALA A 189 -4.99 16.97 -10.00
C ALA A 189 -5.16 15.93 -8.91
N VAL A 190 -4.72 14.71 -9.27
CA VAL A 190 -4.79 13.63 -8.27
C VAL A 190 -3.84 13.98 -7.12
N HIS A 191 -2.68 14.53 -7.46
CA HIS A 191 -1.67 14.86 -6.46
C HIS A 191 -2.24 15.89 -5.48
N GLU A 192 -2.88 16.91 -6.04
CA GLU A 192 -3.38 17.93 -5.10
C GLU A 192 -4.42 17.27 -4.20
N ASP A 193 -5.31 16.40 -4.68
CA ASP A 193 -6.29 15.79 -3.77
C ASP A 193 -5.62 15.03 -2.61
N ILE A 194 -4.64 14.19 -3.02
CA ILE A 194 -3.85 13.41 -2.07
C ILE A 194 -3.09 14.24 -1.07
N ARG A 195 -2.48 15.34 -1.54
CA ARG A 195 -1.71 16.24 -0.68
C ARG A 195 -2.57 16.85 0.41
N VAL A 196 -3.76 17.36 0.03
CA VAL A 196 -4.60 18.00 1.06
C VAL A 196 -5.11 16.97 2.05
N LEU A 197 -5.48 15.78 1.59
CA LEU A 197 -5.88 14.73 2.55
C LEU A 197 -4.72 14.40 3.49
N SER A 198 -3.51 14.29 2.94
CA SER A 198 -2.33 14.00 3.72
C SER A 198 -1.98 15.08 4.75
N GLU A 199 -1.97 16.36 4.40
CA GLU A 199 -1.74 17.42 5.40
C GLU A 199 -2.71 17.29 6.59
N ASP A 200 -3.96 17.00 6.32
CA ASP A 200 -4.95 16.85 7.41
C ASP A 200 -4.62 15.70 8.36
N ALA A 201 -4.25 14.57 7.77
CA ALA A 201 -3.87 13.43 8.61
C ALA A 201 -2.66 13.71 9.48
N ILE A 202 -1.64 14.37 8.90
CA ILE A 202 -0.40 14.61 9.61
C ILE A 202 -0.69 15.42 10.88
N ALA A 203 -1.58 16.36 10.67
CA ALA A 203 -1.93 17.28 11.75
C ALA A 203 -2.76 16.56 12.82
N THR A 204 -3.94 16.20 12.38
CA THR A 204 -4.98 15.67 13.26
C THR A 204 -5.05 14.20 13.57
N ALA A 205 -4.75 13.33 12.62
CA ALA A 205 -4.77 11.90 12.82
C ALA A 205 -3.67 11.51 13.82
N THR A 206 -2.61 12.32 13.96
CA THR A 206 -1.56 11.88 14.89
C THR A 206 -1.70 12.24 16.35
N GLU A 207 -2.74 12.95 16.78
CA GLU A 207 -2.93 13.26 18.20
C GLU A 207 -3.06 12.02 19.08
N LYS A 208 -3.33 10.88 18.47
CA LYS A 208 -3.50 9.59 19.13
C LYS A 208 -2.28 8.72 18.84
N PRO A 209 -1.92 7.80 19.71
CA PRO A 209 -0.77 6.93 19.50
C PRO A 209 -0.94 6.06 18.26
N LEU A 210 0.17 5.59 17.76
CA LEU A 210 0.18 4.70 16.59
C LEU A 210 -0.61 3.43 16.96
N GLY A 211 -1.58 3.07 16.13
CA GLY A 211 -2.34 1.86 16.41
C GLY A 211 -1.72 0.59 15.82
N GLU A 212 -2.48 -0.48 16.06
CA GLU A 212 -2.12 -1.81 15.59
C GLU A 212 -3.15 -2.29 14.59
N LEU A 213 -2.66 -2.74 13.41
CA LEU A 213 -3.60 -3.17 12.38
C LEU A 213 -4.41 -4.42 12.70
N TRP A 214 -5.70 -4.36 12.45
CA TRP A 214 -6.61 -5.52 12.47
C TRP A 214 -6.59 -6.21 13.83
N LYS A 215 -6.37 -5.36 14.83
CA LYS A 215 -6.28 -5.77 16.23
C LYS A 215 -6.81 -4.70 17.19
MG MG B . 4.04 1.13 -8.57
MG MG C . -8.85 -15.77 14.03
N1 NYM D . 1.87 -7.70 -4.03
C6 NYM D . 2.37 -6.64 -3.35
C2 NYM D . 1.47 -8.93 -3.44
O2 NYM D . 1.06 -9.86 -4.14
N3 NYM D . 1.50 -8.96 -2.09
C4 NYM D . 1.97 -7.89 -1.29
O4 NYM D . 1.99 -8.10 0.02
C5 NYM D . 2.43 -6.65 -2.01
C7 NYM D . 2.91 -5.55 -1.06
O4' NYM D . 3.24 -7.34 -5.82
N3' NYM D . 1.42 -6.83 -8.57
C1' NYM D . 1.95 -7.64 -5.54
C2' NYM D . 1.18 -6.47 -6.17
C3' NYM D . 2.01 -6.07 -7.38
C4' NYM D . 3.34 -6.78 -7.11
O5' NYM D . 4.02 -4.50 -6.88
C5' NYM D . 4.53 -5.78 -7.35
P1 NYM D . 4.61 -3.07 -7.35
OP2 NYM D . 4.89 -2.92 -8.80
OP1 NYM D . 3.84 -2.13 -6.53
OP3 NYM D . 6.17 -3.41 -6.92
PG ANP E . 2.05 -0.69 -10.16
O1G ANP E . 2.24 -1.59 -11.36
O2G ANP E . 3.32 -0.60 -9.46
O3G ANP E . 0.90 -1.12 -9.31
PB ANP E . 1.41 2.19 -10.07
O1B ANP E . 0.09 2.29 -9.56
O2B ANP E . 2.51 2.28 -9.12
N3B ANP E . 1.61 0.71 -10.92
PA ANP E . 2.56 4.28 -11.68
O1A ANP E . 2.56 5.46 -10.75
O2A ANP E . 3.84 3.57 -11.84
O3A ANP E . 1.38 3.30 -11.22
O5' ANP E . 1.99 4.78 -13.06
C5' ANP E . 1.76 3.80 -14.16
C4' ANP E . 1.92 4.53 -15.48
O4' ANP E . 0.80 5.40 -15.66
C3' ANP E . 3.15 5.44 -15.55
O3' ANP E . 3.61 5.56 -16.94
C2' ANP E . 2.66 6.78 -15.11
O2' ANP E . 3.39 7.90 -15.69
C1' ANP E . 1.24 6.77 -15.69
N9 ANP E . 0.31 7.58 -14.85
C8 ANP E . 0.35 7.78 -13.49
N7 ANP E . -0.62 8.56 -13.06
C5 ANP E . -1.31 8.90 -14.19
C6 ANP E . -2.45 9.71 -14.39
N6 ANP E . -3.07 10.35 -13.36
N1 ANP E . -2.89 9.82 -15.64
C2 ANP E . -2.25 9.19 -16.64
N3 ANP E . -1.19 8.41 -16.58
C4 ANP E . -0.77 8.30 -15.30
#